data_6KTV
#
_entry.id   6KTV
#
_cell.length_a   88.675
_cell.length_b   112.819
_cell.length_c   60.615
_cell.angle_alpha   90.000
_cell.angle_beta   90.000
_cell.angle_gamma   90.000
#
_symmetry.space_group_name_H-M   'P 21 21 2'
#
loop_
_entity.id
_entity.type
_entity.pdbx_description
1 polymer Sulfurtransferase
2 non-polymer N,N,N-trimethyl-histidine
3 non-polymer 'MAGNESIUM ION'
4 non-polymer 'CHLORIDE ION'
5 non-polymer GLYCEROL
6 non-polymer 1,2-ETHANEDIOL
7 non-polymer DI(HYDROXYETHYL)ETHER
8 non-polymer 'TETRAETHYLENE GLYCOL'
9 non-polymer 1,3-PROPANDIOL
10 non-polymer IMIDAZOLE
11 non-polymer 'NICKEL (II) ION'
12 water water
#
_entity_poly.entity_id   1
_entity_poly.type   'polypeptide(L)'
_entity_poly.pdbx_seq_one_letter_code
;GSEFQNKNFRAPQSEAIGILYKLIETGSKHKNMYDHTEITTDSLLALLGSEKVKIIDVRSADAYNGWRMRGEVRGGHIKG
AKSLPAKWLTDPEWLNIVRFKQIRPEDAIVLYGYTPEECEQTATRFKENGYNNVSVFHRFHPDWTGNDAFPMDRLEQYNR
LVPAEWVNGLISGEEIPEYDNDTFIVCHAHYRNRDAYLSGHIPGATDMDTLALESPETWNRRTPEELKKALEEHGITAST
TVVLYGKFMHPDNADEFPGSAAGHIGAIRLAFIMMYAGVEDVRVLNGGYQSWTDAGFAISKDDVPKTTVPEFGAPIPSRP
EFAVDIDEAKEMLQSEDSDLVCVRSYPEYIGEVSGYNYIKKKGRIPGAIFAECGSDAYHMENYRNHDHTTREYHEIEDIW
AKSGIIPKKHLAFY(CSS)GTGWRGSEAWFNALLMGWPRVSVYDGGWFEWSNDPENPYETGVPK
;
_entity_poly.pdbx_strand_id   A
#
# COMPACT_ATOMS: atom_id res chain seq x y z
N HIS A 30 -2.73 -41.73 4.64
CA HIS A 30 -1.96 -41.83 3.40
C HIS A 30 -1.74 -40.47 2.76
N LYS A 31 -0.54 -39.94 2.90
CA LYS A 31 -0.19 -38.62 2.36
C LYS A 31 0.26 -38.75 0.91
N ASN A 32 -0.30 -37.92 0.04
CA ASN A 32 0.00 -37.92 -1.38
C ASN A 32 0.50 -36.55 -1.79
N MET A 33 1.74 -36.48 -2.28
CA MET A 33 2.38 -35.19 -2.52
C MET A 33 1.73 -34.42 -3.67
N TYR A 34 1.13 -35.11 -4.63
CA TYR A 34 0.69 -34.47 -5.86
C TYR A 34 -0.79 -34.59 -6.15
N ASP A 35 -1.50 -35.49 -5.47
CA ASP A 35 -2.94 -35.61 -5.60
C ASP A 35 -3.57 -35.10 -4.31
N HIS A 36 -4.39 -34.06 -4.42
CA HIS A 36 -4.89 -33.33 -3.27
C HIS A 36 -6.38 -33.55 -3.10
N THR A 37 -6.80 -33.77 -1.86
CA THR A 37 -8.21 -33.98 -1.54
C THR A 37 -9.02 -32.74 -1.88
N GLU A 38 -10.17 -32.94 -2.53
CA GLU A 38 -11.09 -31.86 -2.83
C GLU A 38 -12.08 -31.70 -1.68
N ILE A 39 -12.28 -30.46 -1.24
CA ILE A 39 -13.30 -30.13 -0.25
C ILE A 39 -14.49 -29.53 -1.00
N THR A 40 -15.69 -29.98 -0.63
CA THR A 40 -16.90 -29.55 -1.33
C THR A 40 -17.38 -28.20 -0.80
N THR A 41 -18.30 -27.59 -1.55
CA THR A 41 -18.89 -26.33 -1.13
C THR A 41 -19.63 -26.49 0.20
N ASP A 42 -20.41 -27.56 0.34
CA ASP A 42 -21.12 -27.80 1.60
C ASP A 42 -20.14 -27.99 2.75
N SER A 43 -19.05 -28.73 2.52
CA SER A 43 -18.06 -28.92 3.58
C SER A 43 -17.41 -27.60 3.96
N LEU A 44 -17.07 -26.77 2.96
CA LEU A 44 -16.42 -25.50 3.24
C LEU A 44 -17.35 -24.54 3.97
N LEU A 45 -18.63 -24.55 3.62
CA LEU A 45 -19.60 -23.72 4.33
C LEU A 45 -19.67 -24.09 5.80
N ALA A 46 -19.69 -25.39 6.11
CA ALA A 46 -19.74 -25.83 7.50
C ALA A 46 -18.48 -25.48 8.26
N LEU A 47 -17.36 -25.26 7.56
CA LEU A 47 -16.09 -24.94 8.21
C LEU A 47 -15.84 -23.45 8.34
N LEU A 48 -16.68 -22.62 7.73
CA LEU A 48 -16.53 -21.17 7.86
C LEU A 48 -16.60 -20.76 9.33
N GLY A 49 -15.56 -20.10 9.81
CA GLY A 49 -15.50 -19.69 11.19
C GLY A 49 -14.84 -20.67 12.14
N SER A 50 -14.36 -21.81 11.64
CA SER A 50 -13.61 -22.73 12.48
C SER A 50 -12.22 -22.18 12.74
N GLU A 51 -11.78 -22.24 14.01
CA GLU A 51 -10.47 -21.73 14.37
C GLU A 51 -9.33 -22.64 13.92
N LYS A 52 -9.63 -23.86 13.49
CA LYS A 52 -8.62 -24.80 13.04
C LYS A 52 -8.48 -24.84 11.53
N VAL A 53 -9.19 -23.98 10.80
CA VAL A 53 -9.18 -23.97 9.35
C VAL A 53 -8.57 -22.66 8.88
N LYS A 54 -7.64 -22.75 7.93
CA LYS A 54 -7.08 -21.58 7.24
C LYS A 54 -7.46 -21.68 5.77
N ILE A 55 -8.28 -20.74 5.31
CA ILE A 55 -8.66 -20.65 3.90
C ILE A 55 -7.68 -19.71 3.21
N ILE A 56 -7.05 -20.18 2.14
CA ILE A 56 -5.92 -19.49 1.53
C ILE A 56 -6.25 -19.20 0.07
N ASP A 57 -6.20 -17.91 -0.29
CA ASP A 57 -6.52 -17.42 -1.64
C ASP A 57 -5.22 -17.24 -2.39
N VAL A 58 -5.02 -18.03 -3.45
CA VAL A 58 -3.75 -18.02 -4.19
C VAL A 58 -3.79 -17.11 -5.41
N ARG A 59 -4.88 -16.39 -5.62
CA ARG A 59 -4.92 -15.41 -6.72
C ARG A 59 -4.02 -14.23 -6.37
N SER A 60 -3.89 -13.30 -7.31
CA SER A 60 -3.11 -12.10 -7.05
C SER A 60 -3.76 -11.30 -5.92
N ALA A 61 -2.95 -10.44 -5.30
CA ALA A 61 -3.46 -9.64 -4.19
C ALA A 61 -4.54 -8.67 -4.65
N ASP A 62 -4.48 -8.25 -5.92
CA ASP A 62 -5.48 -7.32 -6.45
C ASP A 62 -6.86 -7.98 -6.56
N ALA A 63 -6.90 -9.22 -7.04
CA ALA A 63 -8.15 -9.97 -7.06
C ALA A 63 -8.68 -10.17 -5.64
N TYR A 64 -7.79 -10.54 -4.73
CA TYR A 64 -8.13 -10.70 -3.32
C TYR A 64 -8.76 -9.42 -2.77
N ASN A 65 -8.21 -8.26 -3.14
CA ASN A 65 -8.71 -7.00 -2.62
C ASN A 65 -10.09 -6.66 -3.15
N GLY A 66 -10.47 -7.19 -4.32
CA GLY A 66 -11.79 -6.93 -4.85
C GLY A 66 -11.86 -6.81 -6.36
N TRP A 67 -10.71 -6.66 -7.02
CA TRP A 67 -10.71 -6.52 -8.46
C TRP A 67 -11.26 -7.79 -9.12
N ARG A 68 -12.15 -7.61 -10.09
CA ARG A 68 -12.85 -8.72 -10.72
C ARG A 68 -12.08 -9.12 -11.99
N MET A 69 -10.95 -9.79 -11.77
CA MET A 69 -9.97 -10.04 -12.82
C MET A 69 -10.44 -11.04 -13.87
N ARG A 70 -11.50 -11.80 -13.62
CA ARG A 70 -12.05 -12.71 -14.61
C ARG A 70 -13.45 -12.30 -15.05
N GLY A 71 -13.86 -11.06 -14.76
CA GLY A 71 -15.20 -10.63 -15.07
C GLY A 71 -16.28 -11.15 -14.15
N GLU A 72 -15.90 -11.72 -13.00
CA GLU A 72 -16.90 -12.20 -12.04
C GLU A 72 -17.74 -11.02 -11.55
N VAL A 73 -18.97 -11.33 -11.14
CA VAL A 73 -19.89 -10.27 -10.74
C VAL A 73 -19.56 -9.76 -9.34
N ARG A 74 -19.11 -10.63 -8.44
CA ARG A 74 -18.68 -10.22 -7.11
C ARG A 74 -17.19 -10.48 -6.99
N GLY A 75 -16.42 -9.42 -6.73
CA GLY A 75 -15.00 -9.55 -6.49
C GLY A 75 -14.66 -9.66 -5.01
N GLY A 76 -13.42 -10.05 -4.75
CA GLY A 76 -12.94 -10.23 -3.40
C GLY A 76 -12.63 -11.67 -3.08
N HIS A 77 -12.58 -11.96 -1.78
CA HIS A 77 -12.19 -13.27 -1.29
C HIS A 77 -13.29 -13.87 -0.43
N ILE A 78 -13.22 -15.20 -0.28
CA ILE A 78 -14.08 -15.87 0.68
C ILE A 78 -13.87 -15.26 2.06
N LYS A 79 -14.97 -15.01 2.77
CA LYS A 79 -14.91 -14.38 4.07
C LYS A 79 -13.98 -15.12 5.01
N GLY A 80 -13.00 -14.41 5.56
CA GLY A 80 -12.03 -14.99 6.45
C GLY A 80 -10.79 -15.57 5.79
N ALA A 81 -10.71 -15.53 4.46
CA ALA A 81 -9.57 -16.11 3.76
C ALA A 81 -8.35 -15.21 3.88
N LYS A 82 -7.17 -15.84 3.87
CA LYS A 82 -5.90 -15.14 3.83
C LYS A 82 -5.35 -15.14 2.41
N SER A 83 -4.46 -14.19 2.14
CA SER A 83 -3.88 -14.01 0.82
C SER A 83 -2.49 -14.63 0.76
N LEU A 84 -2.27 -15.51 -0.22
CA LEU A 84 -0.96 -16.09 -0.48
C LEU A 84 -0.81 -16.29 -1.98
N PRO A 85 -0.51 -15.22 -2.71
CA PRO A 85 -0.41 -15.33 -4.18
C PRO A 85 0.56 -16.42 -4.60
N ALA A 86 0.13 -17.22 -5.59
CA ALA A 86 0.97 -18.32 -6.07
C ALA A 86 2.30 -17.82 -6.63
N LYS A 87 2.35 -16.56 -7.08
CA LYS A 87 3.59 -15.98 -7.57
C LYS A 87 4.71 -16.06 -6.54
N TRP A 88 4.37 -16.07 -5.25
CA TRP A 88 5.36 -16.09 -4.19
C TRP A 88 6.03 -17.44 -4.02
N LEU A 89 5.62 -18.47 -4.78
CA LEU A 89 6.26 -19.78 -4.66
C LEU A 89 7.73 -19.73 -5.03
N THR A 90 8.12 -18.76 -5.86
CA THR A 90 9.52 -18.58 -6.25
C THR A 90 10.30 -17.75 -5.24
N ASP A 91 9.65 -17.20 -4.23
CA ASP A 91 10.34 -16.47 -3.17
C ASP A 91 11.03 -17.47 -2.25
N PRO A 92 12.35 -17.39 -2.08
CA PRO A 92 13.03 -18.32 -1.16
C PRO A 92 12.56 -18.20 0.28
N GLU A 93 11.89 -17.11 0.64
CA GLU A 93 11.35 -16.93 1.98
C GLU A 93 9.88 -17.35 2.07
N TRP A 94 9.42 -18.21 1.15
CA TRP A 94 8.01 -18.59 1.11
C TRP A 94 7.56 -19.19 2.44
N LEU A 95 8.37 -20.08 3.02
CA LEU A 95 7.98 -20.72 4.28
C LEU A 95 7.96 -19.71 5.42
N ASN A 96 8.88 -18.75 5.41
CA ASN A 96 8.87 -17.72 6.45
C ASN A 96 7.67 -16.81 6.32
N ILE A 97 7.19 -16.58 5.09
CA ILE A 97 5.95 -15.83 4.90
C ILE A 97 4.79 -16.60 5.51
N VAL A 98 4.67 -17.89 5.17
CA VAL A 98 3.59 -18.72 5.68
C VAL A 98 3.58 -18.71 7.21
N ARG A 99 4.75 -18.87 7.81
CA ARG A 99 4.84 -18.87 9.27
C ARG A 99 4.57 -17.49 9.85
N PHE A 100 4.97 -16.42 9.15
CA PHE A 100 4.66 -15.08 9.61
C PHE A 100 3.15 -14.81 9.60
N LYS A 101 2.43 -15.40 8.65
CA LYS A 101 0.98 -15.30 8.59
C LYS A 101 0.29 -16.27 9.56
N GLN A 102 1.05 -16.94 10.44
CA GLN A 102 0.50 -17.83 11.46
C GLN A 102 -0.25 -19.01 10.86
N ILE A 103 0.18 -19.47 9.69
CA ILE A 103 -0.39 -20.66 9.06
C ILE A 103 0.45 -21.85 9.52
N ARG A 104 -0.12 -22.67 10.42
CA ARG A 104 0.59 -23.68 11.18
C ARG A 104 0.31 -25.09 10.66
N PRO A 105 1.23 -26.04 10.85
CA PRO A 105 0.99 -27.41 10.39
C PRO A 105 -0.24 -28.06 11.01
N GLU A 106 -0.58 -27.71 12.25
CA GLU A 106 -1.76 -28.28 12.90
C GLU A 106 -3.07 -27.74 12.33
N ASP A 107 -3.01 -26.72 11.47
CA ASP A 107 -4.21 -26.17 10.86
C ASP A 107 -4.65 -27.01 9.67
N ALA A 108 -5.95 -27.06 9.45
CA ALA A 108 -6.49 -27.60 8.20
C ALA A 108 -6.43 -26.50 7.15
N ILE A 109 -5.71 -26.76 6.06
CA ILE A 109 -5.47 -25.76 5.03
C ILE A 109 -6.38 -26.03 3.84
N VAL A 110 -7.12 -25.01 3.43
CA VAL A 110 -8.00 -25.07 2.27
C VAL A 110 -7.55 -24.02 1.28
N LEU A 111 -7.11 -24.45 0.11
CA LEU A 111 -6.64 -23.56 -0.95
C LEU A 111 -7.73 -23.38 -2.00
N TYR A 112 -7.77 -22.17 -2.57
CA TYR A 112 -8.66 -21.92 -3.70
C TYR A 112 -8.06 -20.83 -4.57
N GLY A 113 -8.42 -20.86 -5.85
CA GLY A 113 -8.06 -19.82 -6.78
C GLY A 113 -9.19 -19.62 -7.76
N TYR A 114 -8.92 -19.01 -8.92
CA TYR A 114 -9.94 -18.96 -9.95
C TYR A 114 -10.26 -20.35 -10.48
N THR A 115 -9.27 -21.23 -10.51
CA THR A 115 -9.39 -22.62 -10.90
C THR A 115 -8.69 -23.48 -9.87
N PRO A 116 -9.11 -24.74 -9.70
CA PRO A 116 -8.36 -25.64 -8.81
C PRO A 116 -6.94 -25.91 -9.29
N GLU A 117 -6.70 -25.84 -10.61
CA GLU A 117 -5.37 -26.12 -11.13
C GLU A 117 -4.34 -25.11 -10.65
N GLU A 118 -4.76 -23.88 -10.34
CA GLU A 118 -3.85 -22.87 -9.82
C GLU A 118 -3.31 -23.22 -8.43
N CYS A 119 -3.97 -24.14 -7.73
CA CYS A 119 -3.64 -24.45 -6.34
C CYS A 119 -2.74 -25.66 -6.18
N GLU A 120 -2.50 -26.43 -7.24
CA GLU A 120 -1.83 -27.71 -7.09
C GLU A 120 -0.38 -27.54 -6.64
N GLN A 121 0.33 -26.56 -7.22
CA GLN A 121 1.72 -26.35 -6.84
C GLN A 121 1.83 -25.85 -5.40
N THR A 122 0.92 -24.97 -4.98
CA THR A 122 0.91 -24.51 -3.60
C THR A 122 0.57 -25.66 -2.64
N ALA A 123 -0.42 -26.48 -3.01
CA ALA A 123 -0.76 -27.63 -2.18
C ALA A 123 0.43 -28.55 -1.98
N THR A 124 1.17 -28.82 -3.05
CA THR A 124 2.36 -29.66 -2.94
C THR A 124 3.43 -28.98 -2.08
N ARG A 125 3.59 -27.66 -2.22
CA ARG A 125 4.61 -26.95 -1.45
C ARG A 125 4.32 -27.03 0.05
N PHE A 126 3.05 -26.89 0.44
CA PHE A 126 2.68 -27.04 1.85
C PHE A 126 3.02 -28.46 2.34
N LYS A 127 2.64 -29.47 1.56
CA LYS A 127 2.91 -30.85 1.96
C LYS A 127 4.40 -31.14 2.04
N GLU A 128 5.22 -30.44 1.25
CA GLU A 128 6.66 -30.60 1.30
C GLU A 128 7.28 -30.00 2.56
N ASN A 129 6.53 -29.20 3.32
CA ASN A 129 7.07 -28.46 4.45
C ASN A 129 6.34 -28.78 5.75
N GLY A 130 5.88 -30.01 5.90
CA GLY A 130 5.34 -30.48 7.17
C GLY A 130 3.85 -30.27 7.37
N TYR A 131 3.13 -29.82 6.35
CA TYR A 131 1.68 -29.63 6.44
C TYR A 131 1.00 -30.85 5.85
N ASN A 132 0.27 -31.59 6.67
CA ASN A 132 -0.33 -32.85 6.25
C ASN A 132 -1.83 -32.76 6.02
N ASN A 133 -2.46 -31.64 6.35
CA ASN A 133 -3.90 -31.46 6.20
C ASN A 133 -4.11 -30.32 5.19
N VAL A 134 -4.10 -30.65 3.91
CA VAL A 134 -4.16 -29.67 2.83
C VAL A 134 -5.26 -30.11 1.85
N SER A 135 -6.21 -29.21 1.59
CA SER A 135 -7.31 -29.47 0.67
C SER A 135 -7.39 -28.36 -0.37
N VAL A 136 -8.09 -28.64 -1.46
CA VAL A 136 -8.30 -27.70 -2.55
C VAL A 136 -9.79 -27.54 -2.78
N PHE A 137 -10.26 -26.30 -2.76
CA PHE A 137 -11.66 -25.97 -3.03
C PHE A 137 -11.79 -25.60 -4.51
N HIS A 138 -12.57 -26.38 -5.25
CA HIS A 138 -12.64 -26.23 -6.70
C HIS A 138 -13.66 -25.19 -7.16
N ARG A 139 -14.61 -24.81 -6.32
CA ARG A 139 -15.80 -24.11 -6.76
C ARG A 139 -15.87 -22.67 -6.26
N PHE A 140 -14.74 -21.97 -6.19
CA PHE A 140 -14.77 -20.55 -5.83
C PHE A 140 -15.40 -19.74 -6.96
N HIS A 141 -14.95 -19.96 -8.19
CA HIS A 141 -15.48 -19.26 -9.35
C HIS A 141 -15.88 -20.29 -10.39
N PRO A 142 -17.12 -20.24 -10.92
CA PRO A 142 -18.09 -19.17 -10.63
C PRO A 142 -19.12 -19.51 -9.54
N ASP A 143 -18.96 -20.64 -8.84
CA ASP A 143 -20.00 -21.08 -7.91
C ASP A 143 -20.11 -20.15 -6.71
N TRP A 144 -19.00 -19.94 -6.00
CA TRP A 144 -19.05 -19.12 -4.79
C TRP A 144 -19.26 -17.65 -5.15
N THR A 145 -18.49 -17.13 -6.10
CA THR A 145 -18.64 -15.74 -6.51
C THR A 145 -20.01 -15.47 -7.12
N GLY A 146 -20.65 -16.49 -7.68
CA GLY A 146 -21.90 -16.34 -8.40
C GLY A 146 -23.16 -16.54 -7.59
N ASN A 147 -23.06 -16.71 -6.27
CA ASN A 147 -24.24 -16.87 -5.44
C ASN A 147 -24.21 -15.86 -4.29
N ASP A 148 -25.32 -15.14 -4.13
CA ASP A 148 -25.43 -14.07 -3.14
C ASP A 148 -25.32 -14.59 -1.71
N ALA A 149 -25.64 -15.86 -1.47
CA ALA A 149 -25.66 -16.40 -0.12
C ALA A 149 -24.28 -16.80 0.41
N PHE A 150 -23.26 -16.84 -0.44
CA PHE A 150 -21.92 -17.23 -0.01
C PHE A 150 -21.12 -15.99 0.38
N PRO A 151 -20.63 -15.88 1.61
CA PRO A 151 -20.06 -14.61 2.07
C PRO A 151 -18.71 -14.31 1.46
N MET A 152 -18.52 -13.05 1.09
CA MET A 152 -17.28 -12.58 0.51
C MET A 152 -16.89 -11.25 1.13
N ASP A 153 -15.58 -10.99 1.18
CA ASP A 153 -15.02 -9.75 1.68
C ASP A 153 -14.18 -9.08 0.61
N ARG A 154 -14.00 -7.77 0.76
CA ARG A 154 -13.18 -7.02 -0.18
C ARG A 154 -12.73 -5.73 0.49
N LEU A 155 -11.64 -5.17 -0.05
CA LEU A 155 -11.15 -3.87 0.40
C LEU A 155 -12.09 -2.78 -0.10
N GLU A 156 -12.65 -2.00 0.83
CA GLU A 156 -13.76 -1.11 0.50
C GLU A 156 -13.44 -0.19 -0.67
N GLN A 157 -12.24 0.40 -0.68
CA GLN A 157 -11.86 1.31 -1.75
C GLN A 157 -10.76 0.72 -2.62
N TYR A 158 -10.94 -0.54 -3.03
CA TYR A 158 -9.89 -1.26 -3.77
C TYR A 158 -9.59 -0.62 -5.11
N ASN A 159 -10.52 0.16 -5.68
CA ASN A 159 -10.30 0.68 -7.02
C ASN A 159 -9.25 1.77 -7.07
N ARG A 160 -8.79 2.26 -5.92
CA ARG A 160 -7.68 3.21 -5.89
C ARG A 160 -6.33 2.52 -5.92
N LEU A 161 -6.29 1.21 -5.67
CA LEU A 161 -5.06 0.41 -5.69
C LEU A 161 -5.16 -0.53 -6.88
N VAL A 162 -4.60 -0.11 -8.02
CA VAL A 162 -4.88 -0.76 -9.29
C VAL A 162 -3.85 -1.82 -9.62
N PRO A 163 -4.24 -2.89 -10.30
CA PRO A 163 -3.25 -3.87 -10.79
C PRO A 163 -2.58 -3.41 -12.07
N ALA A 164 -1.46 -4.07 -12.39
CA ALA A 164 -0.73 -3.73 -13.60
C ALA A 164 -1.57 -3.96 -14.85
N GLU A 165 -2.40 -5.01 -14.83
CA GLU A 165 -3.27 -5.27 -15.97
C GLU A 165 -4.23 -4.12 -16.23
N TRP A 166 -4.67 -3.44 -15.16
CA TRP A 166 -5.57 -2.30 -15.32
C TRP A 166 -4.87 -1.11 -15.96
N VAL A 167 -3.63 -0.84 -15.55
CA VAL A 167 -2.88 0.27 -16.14
C VAL A 167 -2.59 -0.03 -17.60
N ASN A 168 -2.21 -1.27 -17.91
CA ASN A 168 -1.96 -1.65 -19.30
C ASN A 168 -3.20 -1.44 -20.15
N GLY A 169 -4.37 -1.75 -19.62
CA GLY A 169 -5.61 -1.47 -20.35
C GLY A 169 -5.85 0.03 -20.52
N LEU A 170 -5.47 0.82 -19.51
CA LEU A 170 -5.71 2.26 -19.56
C LEU A 170 -4.88 2.90 -20.67
N ILE A 171 -3.59 2.60 -20.74
CA ILE A 171 -2.72 3.22 -21.73
C ILE A 171 -2.94 2.64 -23.12
N SER A 172 -3.56 1.46 -23.23
CA SER A 172 -3.86 0.85 -24.51
C SER A 172 -5.20 1.27 -25.08
N GLY A 173 -5.93 2.14 -24.39
CA GLY A 173 -7.28 2.48 -24.80
C GLY A 173 -8.29 1.37 -24.63
N GLU A 174 -7.92 0.28 -23.98
CA GLU A 174 -8.79 -0.87 -23.80
C GLU A 174 -9.95 -0.53 -22.85
N GLU A 175 -10.96 -1.38 -22.85
CA GLU A 175 -12.07 -1.26 -21.93
C GLU A 175 -11.66 -1.85 -20.58
N ILE A 176 -11.75 -1.03 -19.53
CA ILE A 176 -11.34 -1.46 -18.20
C ILE A 176 -12.43 -1.13 -17.19
N PRO A 177 -12.57 -1.91 -16.13
CA PRO A 177 -13.53 -1.57 -15.08
C PRO A 177 -13.01 -0.44 -14.20
N GLU A 178 -13.92 0.11 -13.39
CA GLU A 178 -13.60 1.12 -12.40
C GLU A 178 -12.91 2.34 -13.03
N TYR A 179 -13.42 2.75 -14.18
CA TYR A 179 -12.85 3.90 -14.89
C TYR A 179 -13.92 4.53 -15.78
N ASP A 180 -14.30 5.74 -15.46
CA ASP A 180 -15.31 6.42 -16.30
C ASP A 180 -14.77 7.77 -16.76
N ASN A 181 -13.46 7.91 -16.87
CA ASN A 181 -12.88 9.19 -17.32
C ASN A 181 -12.42 9.08 -18.76
N ASP A 182 -12.00 10.20 -19.32
CA ASP A 182 -11.40 10.23 -20.65
C ASP A 182 -10.06 10.96 -20.68
N THR A 183 -9.54 11.39 -19.53
CA THR A 183 -8.25 12.04 -19.43
C THR A 183 -7.46 11.38 -18.31
N PHE A 184 -6.25 10.95 -18.61
CA PHE A 184 -5.42 10.29 -17.61
C PHE A 184 -3.95 10.67 -17.82
N ILE A 185 -3.17 10.44 -16.77
CA ILE A 185 -1.72 10.55 -16.86
C ILE A 185 -1.10 9.51 -15.93
N VAL A 186 -0.12 8.78 -16.42
CA VAL A 186 0.67 7.85 -15.62
C VAL A 186 1.95 8.57 -15.19
N CYS A 187 2.21 8.60 -13.89
CA CYS A 187 3.26 9.42 -13.32
CA CYS A 187 3.25 9.42 -13.30
C CYS A 187 4.24 8.54 -12.56
N HIS A 188 5.52 8.61 -12.95
CA HIS A 188 6.60 7.86 -12.33
C HIS A 188 7.25 8.77 -11.29
N ALA A 189 7.13 8.42 -10.02
CA ALA A 189 7.64 9.26 -8.94
C ALA A 189 9.08 8.88 -8.59
N HIS A 190 9.84 9.90 -8.20
CA HIS A 190 11.21 9.71 -7.75
C HIS A 190 11.63 10.94 -6.97
N TYR A 191 12.65 10.78 -6.13
CA TYR A 191 13.24 11.87 -5.37
C TYR A 191 14.59 12.22 -5.99
N ARG A 192 14.65 13.37 -6.64
CA ARG A 192 15.85 13.90 -7.30
C ARG A 192 16.70 12.80 -7.93
N ASN A 193 16.06 11.97 -8.75
CA ASN A 193 16.74 10.86 -9.38
C ASN A 193 16.02 10.45 -10.66
N ARG A 194 16.23 11.23 -11.74
CA ARG A 194 15.58 10.93 -13.01
C ARG A 194 16.05 9.61 -13.60
N ASP A 195 17.22 9.12 -13.18
CA ASP A 195 17.68 7.82 -13.66
C ASP A 195 16.71 6.70 -13.29
N ALA A 196 16.01 6.84 -12.16
CA ALA A 196 14.98 5.86 -11.81
C ALA A 196 13.92 5.76 -12.89
N TYR A 197 13.61 6.88 -13.55
CA TYR A 197 12.64 6.93 -14.63
C TYR A 197 13.27 6.57 -15.98
N LEU A 198 14.42 7.18 -16.28
CA LEU A 198 15.04 6.99 -17.59
C LEU A 198 15.55 5.57 -17.79
N SER A 199 15.89 4.86 -16.72
CA SER A 199 16.37 3.49 -16.84
C SER A 199 15.27 2.48 -17.10
N GLY A 200 14.02 2.92 -17.25
CA GLY A 200 12.92 2.00 -17.50
C GLY A 200 11.64 2.45 -16.84
N HIS A 201 10.58 2.65 -17.62
CA HIS A 201 9.33 3.16 -17.08
C HIS A 201 8.18 2.62 -17.92
N ILE A 202 6.97 2.80 -17.40
CA ILE A 202 5.75 2.37 -18.10
C ILE A 202 5.57 3.20 -19.36
N PRO A 203 5.24 2.59 -20.50
CA PRO A 203 5.18 3.35 -21.76
C PRO A 203 4.23 4.54 -21.66
N GLY A 204 4.70 5.69 -22.14
CA GLY A 204 3.93 6.91 -22.12
C GLY A 204 4.00 7.71 -20.84
N ALA A 205 4.50 7.11 -19.76
CA ALA A 205 4.54 7.81 -18.47
C ALA A 205 5.53 8.96 -18.49
N THR A 206 5.22 10.00 -17.73
CA THR A 206 6.12 11.09 -17.43
C THR A 206 6.56 11.00 -15.97
N ASP A 207 7.69 11.62 -15.68
CA ASP A 207 8.30 11.60 -14.35
C ASP A 207 7.92 12.83 -13.53
N MET A 208 7.71 12.61 -12.25
CA MET A 208 7.48 13.68 -11.28
C MET A 208 8.48 13.56 -10.13
N ASP A 209 9.32 14.55 -9.99
CA ASP A 209 10.23 14.63 -8.85
C ASP A 209 9.36 14.96 -7.64
N THR A 210 9.63 14.34 -6.50
CA THR A 210 8.91 14.61 -5.24
C THR A 210 9.09 16.05 -4.79
N LEU A 211 10.21 16.71 -5.12
CA LEU A 211 10.48 18.14 -4.90
C LEU A 211 9.48 19.04 -5.65
N ALA A 212 8.83 18.58 -6.72
CA ALA A 212 7.77 19.37 -7.38
C ALA A 212 6.63 19.67 -6.40
N LEU A 213 6.26 18.75 -5.53
CA LEU A 213 5.11 18.99 -4.62
C LEU A 213 5.53 19.20 -3.16
N GLU A 214 6.75 18.88 -2.76
CA GLU A 214 7.16 19.10 -1.36
C GLU A 214 8.38 20.03 -1.28
N SER A 215 8.47 20.82 -0.22
CA SER A 215 9.54 21.81 -0.08
C SER A 215 10.74 21.22 0.64
N PRO A 216 11.96 21.46 0.15
CA PRO A 216 13.16 20.98 0.88
C PRO A 216 13.43 21.73 2.17
N GLU A 217 12.76 22.86 2.42
CA GLU A 217 13.02 23.60 3.64
C GLU A 217 12.29 23.01 4.84
N THR A 218 11.04 22.59 4.63
CA THR A 218 10.23 22.01 5.68
C THR A 218 9.92 20.54 5.47
N TRP A 219 10.16 20.02 4.25
CA TRP A 219 9.74 18.67 3.86
C TRP A 219 8.24 18.46 4.08
N ASN A 220 7.49 19.55 4.00
CA ASN A 220 6.04 19.53 3.97
C ASN A 220 5.56 19.84 2.56
N ARG A 221 4.28 19.56 2.32
CA ARG A 221 3.65 19.92 1.06
C ARG A 221 3.84 21.41 0.77
N ARG A 222 3.95 21.75 -0.50
CA ARG A 222 4.15 23.14 -0.88
C ARG A 222 2.84 23.93 -0.72
N THR A 223 2.95 25.24 -0.90
CA THR A 223 1.80 26.13 -0.76
C THR A 223 0.80 25.87 -1.89
N PRO A 224 -0.46 26.28 -1.71
CA PRO A 224 -1.45 26.05 -2.78
C PRO A 224 -1.05 26.62 -4.12
N GLU A 225 -0.47 27.82 -4.12
CA GLU A 225 -0.07 28.45 -5.39
C GLU A 225 1.03 27.64 -6.08
N GLU A 226 1.98 27.10 -5.31
CA GLU A 226 3.02 26.27 -5.90
C GLU A 226 2.44 24.96 -6.43
N LEU A 227 1.56 24.33 -5.65
CA LEU A 227 0.96 23.06 -6.09
C LEU A 227 0.17 23.25 -7.37
N LYS A 228 -0.56 24.35 -7.48
CA LYS A 228 -1.32 24.62 -8.70
C LYS A 228 -0.40 24.69 -9.91
N LYS A 229 0.71 25.42 -9.80
CA LYS A 229 1.62 25.55 -10.92
C LYS A 229 2.31 24.22 -11.24
N ALA A 230 2.77 23.51 -10.20
CA ALA A 230 3.46 22.25 -10.43
C ALA A 230 2.57 21.23 -11.13
N LEU A 231 1.33 21.10 -10.65
CA LEU A 231 0.40 20.15 -11.27
C LEU A 231 0.09 20.53 -12.72
N GLU A 232 -0.14 21.81 -12.98
CA GLU A 232 -0.40 22.26 -14.35
C GLU A 232 0.79 21.98 -15.26
N GLU A 233 2.00 22.29 -14.79
CA GLU A 233 3.20 22.08 -15.60
C GLU A 233 3.46 20.61 -15.89
N HIS A 234 2.97 19.71 -15.04
CA HIS A 234 3.06 18.29 -15.30
C HIS A 234 1.86 17.75 -16.06
N GLY A 235 0.92 18.62 -16.43
CA GLY A 235 -0.21 18.20 -17.24
C GLY A 235 -1.37 17.61 -16.48
N ILE A 236 -1.58 18.04 -15.24
CA ILE A 236 -2.58 17.45 -14.35
C ILE A 236 -3.62 18.50 -14.01
N THR A 237 -4.89 18.18 -14.27
CA THR A 237 -6.02 18.97 -13.80
C THR A 237 -6.76 18.20 -12.72
N ALA A 238 -7.66 18.88 -12.03
CA ALA A 238 -8.43 18.24 -10.97
C ALA A 238 -9.23 17.05 -11.49
N SER A 239 -9.68 17.11 -12.75
CA SER A 239 -10.48 16.05 -13.33
C SER A 239 -9.65 15.06 -14.14
N THR A 240 -8.33 15.06 -13.96
CA THR A 240 -7.45 14.11 -14.62
C THR A 240 -7.22 12.91 -13.73
N THR A 241 -7.42 11.71 -14.26
CA THR A 241 -7.11 10.48 -13.54
C THR A 241 -5.59 10.31 -13.49
N VAL A 242 -5.01 10.41 -12.31
CA VAL A 242 -3.58 10.27 -12.12
C VAL A 242 -3.28 8.87 -11.59
N VAL A 243 -2.39 8.16 -12.27
CA VAL A 243 -1.92 6.85 -11.83
C VAL A 243 -0.46 7.00 -11.45
N LEU A 244 -0.14 6.72 -10.19
CA LEU A 244 1.18 6.95 -9.64
C LEU A 244 1.88 5.63 -9.34
N TYR A 245 3.18 5.59 -9.59
CA TYR A 245 4.01 4.45 -9.25
C TYR A 245 5.45 4.91 -9.10
N GLY A 246 6.24 4.12 -8.37
CA GLY A 246 7.65 4.39 -8.24
C GLY A 246 8.45 3.11 -8.37
N LYS A 247 9.77 3.27 -8.43
CA LYS A 247 10.69 2.15 -8.61
C LYS A 247 11.51 1.95 -7.34
N PHE A 248 11.50 0.73 -6.82
CA PHE A 248 12.33 0.36 -5.69
C PHE A 248 13.73 0.02 -6.20
N MET A 249 14.75 0.67 -5.63
CA MET A 249 16.12 0.48 -6.08
C MET A 249 17.06 0.19 -4.92
N HIS A 250 16.54 -0.47 -3.87
CA HIS A 250 17.30 -0.91 -2.70
C HIS A 250 17.99 0.26 -2.00
N PRO A 251 17.25 1.04 -1.21
CA PRO A 251 17.88 2.17 -0.51
C PRO A 251 18.98 1.71 0.44
N ASP A 252 20.11 2.40 0.38
CA ASP A 252 21.27 2.13 1.23
C ASP A 252 21.52 3.36 2.08
N ASN A 253 21.54 3.17 3.40
CA ASN A 253 21.79 4.29 4.31
C ASN A 253 23.16 4.91 4.12
N ALA A 254 24.08 4.20 3.46
CA ALA A 254 25.41 4.74 3.19
C ALA A 254 25.41 5.78 2.08
N ASP A 255 24.36 5.86 1.28
CA ASP A 255 24.26 6.87 0.24
C ASP A 255 23.76 8.19 0.81
N GLU A 256 24.03 9.27 0.08
CA GLU A 256 23.64 10.60 0.55
C GLU A 256 22.13 10.77 0.54
N PHE A 257 21.45 10.22 -0.46
CA PHE A 257 20.01 10.35 -0.61
C PHE A 257 19.39 8.97 -0.79
N PRO A 258 19.23 8.21 0.30
CA PRO A 258 18.56 6.91 0.19
C PRO A 258 17.15 7.00 -0.33
N GLY A 259 16.49 8.16 -0.15
CA GLY A 259 15.13 8.32 -0.64
C GLY A 259 15.01 8.21 -2.14
N SER A 260 16.10 8.49 -2.87
CA SER A 260 16.11 8.35 -4.32
C SER A 260 15.88 6.91 -4.78
N ALA A 261 15.99 5.94 -3.87
CA ALA A 261 15.75 4.54 -4.18
C ALA A 261 14.42 4.01 -3.64
N ALA A 262 13.75 4.76 -2.76
CA ALA A 262 12.44 4.37 -2.23
C ALA A 262 11.33 4.99 -3.07
N GLY A 263 11.32 4.62 -4.35
CA GLY A 263 10.49 5.32 -5.32
C GLY A 263 9.00 5.15 -5.08
N HIS A 264 8.58 3.96 -4.65
CA HIS A 264 7.14 3.73 -4.53
C HIS A 264 6.54 4.34 -3.27
N ILE A 265 7.33 4.48 -2.19
CA ILE A 265 6.87 5.30 -1.08
C ILE A 265 6.65 6.74 -1.54
N GLY A 266 7.57 7.25 -2.35
CA GLY A 266 7.41 8.59 -2.89
C GLY A 266 6.21 8.72 -3.78
N ALA A 267 5.86 7.66 -4.52
CA ALA A 267 4.64 7.66 -5.31
C ALA A 267 3.42 7.81 -4.41
N ILE A 268 3.37 7.08 -3.30
CA ILE A 268 2.24 7.18 -2.40
C ILE A 268 2.26 8.51 -1.65
N ARG A 269 3.46 9.04 -1.39
CA ARG A 269 3.57 10.40 -0.83
C ARG A 269 2.93 11.41 -1.77
N LEU A 270 3.24 11.35 -3.05
CA LEU A 270 2.67 12.28 -4.01
C LEU A 270 1.17 12.06 -4.17
N ALA A 271 0.71 10.80 -4.10
CA ALA A 271 -0.73 10.53 -4.16
C ALA A 271 -1.46 11.22 -3.03
N PHE A 272 -0.87 11.21 -1.83
CA PHE A 272 -1.45 11.93 -0.70
C PHE A 272 -1.53 13.43 -0.99
N ILE A 273 -0.44 14.01 -1.48
CA ILE A 273 -0.43 15.45 -1.73
C ILE A 273 -1.43 15.82 -2.83
N MET A 274 -1.51 15.00 -3.89
CA MET A 274 -2.47 15.30 -4.96
C MET A 274 -3.91 15.18 -4.49
N MET A 275 -4.22 14.15 -3.69
CA MET A 275 -5.56 14.02 -3.15
C MET A 275 -5.88 15.16 -2.20
N TYR A 276 -4.91 15.58 -1.39
CA TYR A 276 -5.07 16.76 -0.56
C TYR A 276 -5.32 17.99 -1.42
N ALA A 277 -4.56 18.15 -2.51
CA ALA A 277 -4.70 19.32 -3.35
C ALA A 277 -6.06 19.38 -4.02
N GLY A 278 -6.55 18.24 -4.53
CA GLY A 278 -7.87 18.21 -5.11
C GLY A 278 -8.01 17.40 -6.38
N VAL A 279 -7.01 16.60 -6.73
CA VAL A 279 -7.18 15.67 -7.84
C VAL A 279 -8.22 14.63 -7.43
N GLU A 280 -9.34 14.59 -8.15
CA GLU A 280 -10.48 13.80 -7.71
C GLU A 280 -10.21 12.31 -7.81
N ASP A 281 -9.49 11.86 -8.83
CA ASP A 281 -9.27 10.44 -9.09
C ASP A 281 -7.77 10.16 -9.13
N VAL A 282 -7.25 9.63 -8.03
CA VAL A 282 -5.85 9.24 -7.92
C VAL A 282 -5.78 7.73 -7.68
N ARG A 283 -4.99 7.04 -8.47
CA ARG A 283 -4.74 5.61 -8.29
C ARG A 283 -3.27 5.38 -8.00
N VAL A 284 -2.99 4.26 -7.34
CA VAL A 284 -1.62 3.82 -7.07
C VAL A 284 -1.47 2.41 -7.63
N LEU A 285 -0.46 2.22 -8.49
CA LEU A 285 -0.14 0.88 -8.98
C LEU A 285 0.36 0.04 -7.81
N ASN A 286 -0.38 -1.01 -7.48
CA ASN A 286 -0.01 -1.87 -6.35
C ASN A 286 1.34 -2.53 -6.60
N GLY A 287 2.31 -2.24 -5.75
CA GLY A 287 3.64 -2.79 -5.89
C GLY A 287 4.58 -2.00 -6.79
N GLY A 288 4.10 -0.94 -7.44
CA GLY A 288 4.98 -0.09 -8.22
C GLY A 288 5.53 -0.76 -9.46
N TYR A 289 6.74 -0.36 -9.83
CA TYR A 289 7.37 -0.81 -11.07
C TYR A 289 7.52 -2.33 -11.10
N GLN A 290 7.80 -2.93 -9.94
CA GLN A 290 8.00 -4.38 -9.87
C GLN A 290 6.79 -5.14 -10.42
N SER A 291 5.58 -4.67 -10.10
CA SER A 291 4.38 -5.34 -10.60
C SER A 291 4.26 -5.23 -12.11
N TRP A 292 4.71 -4.11 -12.68
CA TRP A 292 4.64 -3.95 -14.13
C TRP A 292 5.56 -4.93 -14.85
N THR A 293 6.77 -5.14 -14.31
CA THR A 293 7.70 -6.07 -14.95
C THR A 293 7.34 -7.51 -14.61
N ASP A 294 6.88 -7.78 -13.39
CA ASP A 294 6.44 -9.12 -13.04
C ASP A 294 5.30 -9.60 -13.93
N ALA A 295 4.45 -8.67 -14.37
CA ALA A 295 3.39 -9.01 -15.31
C ALA A 295 3.89 -9.21 -16.73
N GLY A 296 5.16 -8.90 -17.00
CA GLY A 296 5.73 -9.11 -18.31
C GLY A 296 5.39 -8.07 -19.35
N PHE A 297 4.97 -6.88 -18.93
CA PHE A 297 4.63 -5.85 -19.90
C PHE A 297 5.87 -5.13 -20.41
N ALA A 298 5.74 -4.49 -21.57
CA ALA A 298 6.85 -3.77 -22.16
C ALA A 298 7.17 -2.52 -21.35
N ILE A 299 8.45 -2.15 -21.36
CA ILE A 299 8.91 -0.95 -20.67
C ILE A 299 9.60 -0.05 -21.69
N SER A 300 9.54 1.25 -21.41
CA SER A 300 10.09 2.27 -22.30
C SER A 300 11.20 3.03 -21.58
N LYS A 301 12.12 3.59 -22.37
CA LYS A 301 13.17 4.45 -21.85
C LYS A 301 13.16 5.82 -22.49
N ASP A 302 12.12 6.16 -23.23
CA ASP A 302 12.00 7.50 -23.80
C ASP A 302 11.83 8.53 -22.70
N ASP A 303 12.46 9.69 -22.87
CA ASP A 303 12.25 10.83 -21.99
C ASP A 303 11.02 11.56 -22.52
N VAL A 304 9.86 11.16 -22.02
CA VAL A 304 8.59 11.69 -22.52
C VAL A 304 8.47 13.15 -22.14
N PRO A 305 8.29 14.05 -23.11
CA PRO A 305 8.04 15.46 -22.78
C PRO A 305 6.68 15.62 -22.13
N LYS A 306 6.57 16.63 -21.28
CA LYS A 306 5.35 16.89 -20.55
C LYS A 306 4.40 17.73 -21.40
N THR A 307 3.11 17.44 -21.31
CA THR A 307 2.07 18.19 -22.00
C THR A 307 1.35 19.01 -20.94
N THR A 308 1.71 20.30 -20.84
CA THR A 308 1.15 21.14 -19.79
C THR A 308 -0.33 21.43 -20.04
N VAL A 309 -1.00 21.85 -18.97
CA VAL A 309 -2.39 22.30 -19.06
C VAL A 309 -2.44 23.70 -18.46
N PRO A 310 -3.34 24.56 -18.90
CA PRO A 310 -3.34 25.95 -18.41
C PRO A 310 -3.99 26.15 -17.05
N GLU A 311 -4.95 25.30 -16.69
CA GLU A 311 -5.77 25.55 -15.51
C GLU A 311 -6.05 24.25 -14.77
N PHE A 312 -5.67 24.22 -13.48
CA PHE A 312 -5.96 23.04 -12.66
C PHE A 312 -7.46 22.84 -12.50
N GLY A 313 -8.22 23.92 -12.33
CA GLY A 313 -9.66 23.86 -12.39
C GLY A 313 -10.39 23.63 -11.09
N ALA A 314 -9.75 23.85 -9.95
CA ALA A 314 -10.40 23.67 -8.66
C ALA A 314 -9.58 24.38 -7.59
N PRO A 315 -10.22 24.89 -6.54
CA PRO A 315 -9.45 25.52 -5.45
C PRO A 315 -8.57 24.50 -4.74
N ILE A 316 -7.35 24.90 -4.43
CA ILE A 316 -6.38 24.06 -3.73
C ILE A 316 -6.18 24.64 -2.34
N PRO A 317 -6.28 23.83 -1.27
CA PRO A 317 -6.61 22.40 -1.35
C PRO A 317 -8.12 22.13 -1.27
N SER A 318 -8.59 21.15 -2.04
CA SER A 318 -9.99 20.75 -1.97
C SER A 318 -10.29 19.80 -0.81
N ARG A 319 -9.28 19.07 -0.34
CA ARG A 319 -9.44 18.15 0.79
C ARG A 319 -8.45 18.49 1.88
N PRO A 320 -8.59 19.67 2.51
CA PRO A 320 -7.62 20.08 3.53
C PRO A 320 -7.62 19.20 4.77
N GLU A 321 -8.68 18.43 5.00
CA GLU A 321 -8.73 17.57 6.17
C GLU A 321 -7.70 16.45 6.12
N PHE A 322 -7.15 16.14 4.93
CA PHE A 322 -6.16 15.09 4.81
C PHE A 322 -4.82 15.47 5.44
N ALA A 323 -4.54 16.76 5.59
CA ALA A 323 -3.25 17.23 6.08
C ALA A 323 -3.41 17.88 7.45
N VAL A 324 -2.56 17.48 8.39
CA VAL A 324 -2.57 18.00 9.76
C VAL A 324 -1.22 18.64 10.04
N ASP A 325 -1.24 19.85 10.57
CA ASP A 325 -0.02 20.55 10.96
C ASP A 325 0.14 20.50 12.48
N ILE A 326 1.20 21.12 12.99
CA ILE A 326 1.68 20.82 14.33
C ILE A 326 0.71 21.31 15.41
N ASP A 327 0.01 22.44 15.17
CA ASP A 327 -0.94 22.92 16.17
C ASP A 327 -2.13 21.98 16.29
N GLU A 328 -2.69 21.55 15.16
CA GLU A 328 -3.78 20.57 15.21
C GLU A 328 -3.30 19.24 15.77
N ALA A 329 -2.06 18.85 15.43
CA ALA A 329 -1.51 17.60 15.95
C ALA A 329 -1.41 17.63 17.47
N LYS A 330 -0.99 18.77 18.03
CA LYS A 330 -0.92 18.90 19.48
C LYS A 330 -2.31 18.83 20.10
N GLU A 331 -3.31 19.40 19.44
CA GLU A 331 -4.68 19.29 19.93
C GLU A 331 -5.16 17.85 19.87
N MET A 332 -4.76 17.11 18.83
CA MET A 332 -5.14 15.70 18.72
C MET A 332 -4.52 14.87 19.83
N LEU A 333 -3.34 15.25 20.32
CA LEU A 333 -2.72 14.53 21.43
C LEU A 333 -3.48 14.71 22.74
N GLN A 334 -4.31 15.74 22.85
CA GLN A 334 -5.10 15.97 24.05
C GLN A 334 -6.58 15.63 23.89
N SER A 335 -7.01 15.26 22.69
CA SER A 335 -8.42 15.00 22.44
C SER A 335 -8.73 13.52 22.64
N GLU A 336 -9.86 13.25 23.31
CA GLU A 336 -10.32 11.88 23.47
C GLU A 336 -10.67 11.23 22.13
N ASP A 337 -10.97 12.06 21.12
CA ASP A 337 -11.47 11.60 19.84
C ASP A 337 -10.36 11.31 18.82
N SER A 338 -9.12 11.65 19.13
CA SER A 338 -8.07 11.70 18.12
C SER A 338 -6.79 11.04 18.64
N ASP A 339 -5.88 10.75 17.71
CA ASP A 339 -4.59 10.17 18.06
C ASP A 339 -3.61 10.40 16.93
N LEU A 340 -2.35 10.56 17.30
CA LEU A 340 -1.23 10.54 16.36
C LEU A 340 -0.66 9.13 16.30
N VAL A 341 -0.31 8.69 15.09
CA VAL A 341 0.21 7.35 14.86
C VAL A 341 1.64 7.49 14.34
N CYS A 342 2.60 6.95 15.10
CA CYS A 342 4.01 7.05 14.76
C CYS A 342 4.40 5.88 13.88
N VAL A 343 4.65 6.16 12.60
CA VAL A 343 5.04 5.12 11.64
C VAL A 343 6.54 5.20 11.39
N ARG A 344 7.33 5.00 12.43
CA ARG A 344 8.79 5.00 12.34
C ARG A 344 9.32 3.64 12.75
N SER A 345 10.63 3.46 12.60
CA SER A 345 11.26 2.22 13.03
C SER A 345 11.53 2.26 14.54
N TYR A 346 11.79 1.08 15.09
CA TYR A 346 12.03 0.97 16.53
C TYR A 346 13.29 1.70 16.96
N PRO A 347 14.42 1.60 16.22
CA PRO A 347 15.60 2.40 16.62
C PRO A 347 15.32 3.90 16.68
N GLU A 348 14.53 4.43 15.75
CA GLU A 348 14.12 5.83 15.85
C GLU A 348 13.24 6.06 17.07
N TYR A 349 12.34 5.12 17.35
CA TYR A 349 11.36 5.32 18.42
C TYR A 349 12.03 5.46 19.77
N ILE A 350 13.07 4.65 20.03
CA ILE A 350 13.75 4.68 21.32
C ILE A 350 14.90 5.68 21.35
N GLY A 351 15.17 6.37 20.25
CA GLY A 351 16.20 7.39 20.24
C GLY A 351 17.60 6.90 19.96
N GLU A 352 17.76 5.67 19.46
CA GLU A 352 19.09 5.20 19.05
C GLU A 352 19.61 6.00 17.87
N VAL A 353 18.76 6.22 16.86
CA VAL A 353 19.13 6.96 15.66
C VAL A 353 18.02 7.95 15.34
N SER A 354 18.35 8.93 14.51
CA SER A 354 17.33 9.84 13.98
C SER A 354 16.63 9.26 12.76
N GLY A 355 17.26 8.32 12.07
CA GLY A 355 16.75 7.78 10.83
C GLY A 355 17.22 8.48 9.58
N TYR A 356 17.82 9.66 9.71
CA TYR A 356 18.17 10.48 8.56
C TYR A 356 19.55 11.09 8.78
N ASN A 357 20.28 11.28 7.68
CA ASN A 357 21.59 11.92 7.77
C ASN A 357 21.51 13.44 7.88
N TYR A 358 20.31 14.02 7.79
CA TYR A 358 20.12 15.45 7.91
C TYR A 358 19.31 15.84 9.14
N ILE A 359 19.06 14.89 10.05
CA ILE A 359 18.42 15.16 11.32
C ILE A 359 19.37 14.70 12.43
N LYS A 360 19.71 15.61 13.34
CA LYS A 360 20.58 15.28 14.46
C LYS A 360 19.79 14.89 15.71
N LYS A 361 18.61 15.48 15.91
CA LYS A 361 17.83 15.20 17.10
C LYS A 361 17.25 13.78 17.05
N LYS A 362 17.30 13.10 18.19
CA LYS A 362 16.82 11.72 18.31
C LYS A 362 15.83 11.64 19.45
N GLY A 363 14.73 10.94 19.22
CA GLY A 363 13.67 10.81 20.21
C GLY A 363 12.33 10.60 19.52
N ARG A 364 11.28 10.67 20.33
CA ARG A 364 9.93 10.40 19.85
C ARG A 364 8.97 11.45 20.40
N ILE A 365 7.87 11.64 19.68
CA ILE A 365 6.83 12.56 20.14
C ILE A 365 6.05 11.91 21.27
N PRO A 366 5.89 12.59 22.41
CA PRO A 366 5.16 11.98 23.53
C PRO A 366 3.67 11.89 23.25
N GLY A 367 3.08 10.74 23.58
CA GLY A 367 1.66 10.54 23.46
C GLY A 367 1.19 9.93 22.16
N ALA A 368 2.08 9.65 21.22
CA ALA A 368 1.68 9.03 19.96
C ALA A 368 1.60 7.52 20.13
N ILE A 369 0.78 6.89 19.29
CA ILE A 369 0.66 5.44 19.24
C ILE A 369 1.66 4.91 18.23
N PHE A 370 2.44 3.91 18.62
CA PHE A 370 3.51 3.38 17.78
C PHE A 370 2.97 2.27 16.88
N ALA A 371 3.28 2.37 15.59
CA ALA A 371 2.91 1.36 14.59
C ALA A 371 4.13 1.20 13.68
N GLU A 372 5.06 0.35 14.10
CA GLU A 372 6.39 0.25 13.51
C GLU A 372 6.34 0.05 12.00
N CYS A 373 7.06 0.92 11.28
CA CYS A 373 7.06 0.88 9.83
C CYS A 373 7.80 -0.36 9.31
N GLY A 374 8.98 -0.61 9.87
CA GLY A 374 9.87 -1.64 9.36
C GLY A 374 11.30 -1.41 9.82
N SER A 375 12.28 -1.70 8.97
CA SER A 375 13.67 -1.74 9.39
C SER A 375 14.24 -0.34 9.61
N ASP A 376 13.99 0.59 8.70
CA ASP A 376 14.55 1.94 8.85
C ASP A 376 13.60 2.94 8.19
N ALA A 377 14.11 4.13 7.90
CA ALA A 377 13.27 5.20 7.37
C ALA A 377 12.88 4.96 5.91
N TYR A 378 13.62 4.13 5.18
CA TYR A 378 13.41 3.96 3.74
C TYR A 378 12.84 2.59 3.39
N HIS A 379 12.23 1.91 4.35
CA HIS A 379 11.60 0.62 4.12
C HIS A 379 10.29 0.55 4.89
N MET A 380 9.33 -0.18 4.33
CA MET A 380 7.99 -0.33 4.91
C MET A 380 7.61 -1.80 4.98
N GLU A 381 8.48 -2.61 5.61
CA GLU A 381 8.29 -4.06 5.61
C GLU A 381 6.97 -4.45 6.27
N ASN A 382 6.60 -3.78 7.36
CA ASN A 382 5.41 -4.19 8.10
C ASN A 382 4.11 -3.83 7.40
N TYR A 383 4.17 -3.03 6.33
CA TYR A 383 2.97 -2.64 5.57
C TYR A 383 2.98 -3.18 4.15
N ARG A 384 3.94 -4.03 3.81
CA ARG A 384 4.13 -4.46 2.43
C ARG A 384 4.48 -5.95 2.40
N ASN A 385 4.19 -6.56 1.26
CA ASN A 385 4.72 -7.88 0.96
C ASN A 385 6.13 -7.73 0.36
N HIS A 386 6.80 -8.87 0.19
CA HIS A 386 8.14 -8.85 -0.37
C HIS A 386 8.18 -8.26 -1.77
N ASP A 387 7.09 -8.41 -2.54
CA ASP A 387 7.03 -7.87 -3.89
C ASP A 387 6.54 -6.43 -3.93
N HIS A 388 6.48 -5.76 -2.77
CA HIS A 388 6.16 -4.34 -2.57
C HIS A 388 4.68 -4.04 -2.67
N THR A 389 3.82 -5.01 -2.93
CA THR A 389 2.39 -4.79 -2.82
C THR A 389 2.01 -4.57 -1.36
N THR A 390 0.86 -3.94 -1.14
CA THR A 390 0.42 -3.68 0.22
C THR A 390 0.11 -5.00 0.93
N ARG A 391 0.54 -5.08 2.19
CA ARG A 391 0.26 -6.24 3.01
C ARG A 391 -1.23 -6.49 3.11
N GLU A 392 -1.61 -7.76 3.24
CA GLU A 392 -3.01 -8.14 3.41
C GLU A 392 -3.68 -7.25 4.45
N TYR A 393 -4.73 -6.54 4.03
CA TYR A 393 -5.23 -5.43 4.83
C TYR A 393 -5.84 -5.90 6.15
N HIS A 394 -6.34 -7.14 6.21
CA HIS A 394 -6.82 -7.69 7.47
C HIS A 394 -5.72 -7.72 8.52
N GLU A 395 -4.51 -8.11 8.11
CA GLU A 395 -3.39 -8.16 9.06
C GLU A 395 -3.04 -6.78 9.58
N ILE A 396 -3.07 -5.77 8.70
CA ILE A 396 -2.80 -4.40 9.13
C ILE A 396 -3.88 -3.93 10.09
N GLU A 397 -5.15 -4.17 9.74
CA GLU A 397 -6.26 -3.73 10.56
C GLU A 397 -6.22 -4.38 11.95
N ASP A 398 -5.86 -5.66 12.01
CA ASP A 398 -5.83 -6.36 13.30
C ASP A 398 -4.68 -5.87 14.16
N ILE A 399 -3.50 -5.66 13.57
CA ILE A 399 -2.38 -5.11 14.31
C ILE A 399 -2.73 -3.73 14.85
N TRP A 400 -3.31 -2.88 13.99
CA TRP A 400 -3.70 -1.53 14.39
C TRP A 400 -4.69 -1.57 15.55
N ALA A 401 -5.70 -2.44 15.46
CA ALA A 401 -6.72 -2.50 16.50
C ALA A 401 -6.14 -2.95 17.83
N LYS A 402 -5.07 -3.74 17.79
CA LYS A 402 -4.40 -4.16 19.03
C LYS A 402 -3.81 -2.99 19.79
N SER A 403 -3.56 -1.86 19.12
CA SER A 403 -2.99 -0.68 19.76
C SER A 403 -3.99 0.46 19.89
N GLY A 404 -5.27 0.22 19.60
CA GLY A 404 -6.25 1.27 19.65
C GLY A 404 -6.32 2.14 18.43
N ILE A 405 -5.75 1.70 17.31
CA ILE A 405 -5.82 2.43 16.05
C ILE A 405 -7.05 1.92 15.31
N ILE A 406 -8.14 2.69 15.38
CA ILE A 406 -9.44 2.20 14.92
C ILE A 406 -10.15 3.30 14.15
N PRO A 407 -11.05 2.91 13.24
CA PRO A 407 -11.66 3.91 12.35
C PRO A 407 -12.55 4.93 13.03
N LYS A 408 -13.02 4.68 14.25
CA LYS A 408 -13.90 5.66 14.89
C LYS A 408 -13.15 6.92 15.34
N LYS A 409 -11.82 6.88 15.38
CA LYS A 409 -11.03 8.03 15.78
C LYS A 409 -10.59 8.84 14.57
N HIS A 410 -10.23 10.10 14.83
CA HIS A 410 -9.49 10.90 13.86
C HIS A 410 -8.01 10.62 14.06
N LEU A 411 -7.38 10.01 13.06
CA LEU A 411 -5.99 9.60 13.16
C LEU A 411 -5.13 10.44 12.25
N ALA A 412 -3.96 10.85 12.76
CA ALA A 412 -2.95 11.55 11.97
C ALA A 412 -1.69 10.69 11.95
N PHE A 413 -1.45 10.01 10.84
CA PHE A 413 -0.23 9.25 10.67
C PHE A 413 0.93 10.18 10.39
N TYR A 414 2.10 9.83 10.94
CA TYR A 414 3.29 10.65 10.74
C TYR A 414 4.54 9.80 10.88
N GLY A 416 9.09 10.57 9.92
CA GLY A 416 10.17 11.53 9.88
C GLY A 416 9.79 12.81 9.14
N THR A 417 9.42 12.67 7.86
CA THR A 417 9.06 13.82 7.04
C THR A 417 7.70 13.68 6.37
N GLY A 418 6.99 12.57 6.58
CA GLY A 418 5.67 12.39 6.00
C GLY A 418 5.56 11.34 4.92
N TRP A 419 6.67 10.71 4.52
CA TRP A 419 6.60 9.70 3.47
C TRP A 419 5.97 8.42 3.98
N ARG A 420 6.53 7.85 5.05
CA ARG A 420 5.99 6.61 5.60
C ARG A 420 4.60 6.81 6.17
N GLY A 421 4.34 7.96 6.79
CA GLY A 421 2.99 8.26 7.24
C GLY A 421 1.99 8.30 6.12
N SER A 422 2.41 8.73 4.93
CA SER A 422 1.50 8.75 3.78
C SER A 422 1.11 7.34 3.37
N GLU A 423 2.06 6.40 3.38
CA GLU A 423 1.74 5.04 2.97
C GLU A 423 0.83 4.36 3.98
N ALA A 424 1.05 4.60 5.28
CA ALA A 424 0.13 4.10 6.29
C ALA A 424 -1.24 4.74 6.13
N TRP A 425 -1.28 6.06 5.92
CA TRP A 425 -2.53 6.77 5.69
C TRP A 425 -3.27 6.20 4.47
N PHE A 426 -2.54 5.93 3.39
CA PHE A 426 -3.16 5.39 2.20
C PHE A 426 -3.80 4.03 2.47
N ASN A 427 -3.14 3.19 3.28
CA ASN A 427 -3.72 1.89 3.62
C ASN A 427 -5.04 2.05 4.37
N ALA A 428 -5.09 2.98 5.33
CA ALA A 428 -6.33 3.20 6.05
C ALA A 428 -7.40 3.80 5.15
N LEU A 429 -6.98 4.70 4.25
CA LEU A 429 -7.90 5.23 3.24
C LEU A 429 -8.52 4.11 2.42
N LEU A 430 -7.71 3.13 2.01
CA LEU A 430 -8.22 2.04 1.18
C LEU A 430 -9.26 1.19 1.93
N MET A 431 -9.15 1.09 3.25
CA MET A 431 -10.14 0.40 4.04
C MET A 431 -11.41 1.22 4.25
N GLY A 432 -11.44 2.46 3.75
CA GLY A 432 -12.61 3.29 3.90
C GLY A 432 -12.73 4.01 5.22
N TRP A 433 -11.64 4.15 5.97
CA TRP A 433 -11.71 4.81 7.27
C TRP A 433 -12.07 6.29 7.07
N PRO A 434 -13.01 6.83 7.86
CA PRO A 434 -13.60 8.13 7.49
C PRO A 434 -12.81 9.35 7.93
N ARG A 435 -11.89 9.24 8.90
CA ARG A 435 -11.15 10.41 9.40
C ARG A 435 -9.69 10.03 9.62
N VAL A 436 -8.94 9.91 8.52
CA VAL A 436 -7.51 9.64 8.58
C VAL A 436 -6.78 10.78 7.88
N SER A 437 -5.66 11.19 8.48
CA SER A 437 -4.88 12.31 7.97
C SER A 437 -3.41 11.95 8.08
N VAL A 438 -2.57 12.83 7.55
CA VAL A 438 -1.12 12.78 7.73
C VAL A 438 -0.72 14.03 8.49
N TYR A 439 -0.01 13.85 9.61
CA TYR A 439 0.68 14.97 10.25
C TYR A 439 1.95 15.19 9.47
N ASP A 440 1.96 16.25 8.65
CA ASP A 440 3.00 16.42 7.65
C ASP A 440 4.37 16.67 8.28
N GLY A 441 4.42 17.53 9.30
CA GLY A 441 5.71 17.93 9.86
C GLY A 441 6.52 16.76 10.39
N GLY A 442 5.87 15.87 11.14
CA GLY A 442 6.56 14.70 11.65
C GLY A 442 7.64 15.05 12.67
N TRP A 443 8.57 14.11 12.84
CA TRP A 443 9.67 14.31 13.78
C TRP A 443 10.60 15.42 13.33
N PHE A 444 10.72 15.64 12.01
CA PHE A 444 11.57 16.71 11.51
C PHE A 444 11.11 18.07 12.03
N GLU A 445 9.82 18.37 11.90
CA GLU A 445 9.32 19.65 12.38
C GLU A 445 9.23 19.68 13.91
N TRP A 446 8.78 18.59 14.53
CA TRP A 446 8.58 18.57 15.97
C TRP A 446 9.89 18.84 16.71
N SER A 447 10.97 18.16 16.31
CA SER A 447 12.25 18.31 16.99
C SER A 447 13.01 19.58 16.61
N ASN A 448 12.53 20.34 15.61
CA ASN A 448 13.19 21.59 15.25
C ASN A 448 12.84 22.73 16.19
N ASP A 449 11.82 22.57 17.02
CA ASP A 449 11.51 23.55 18.05
C ASP A 449 12.02 23.00 19.38
N PRO A 450 13.05 23.62 19.97
CA PRO A 450 13.62 23.06 21.21
C PRO A 450 12.66 23.08 22.40
N GLU A 451 11.57 23.85 22.32
CA GLU A 451 10.60 23.86 23.41
C GLU A 451 9.58 22.73 23.32
N ASN A 452 9.61 21.93 22.26
CA ASN A 452 8.69 20.81 22.14
C ASN A 452 9.19 19.64 22.98
N PRO A 453 8.35 19.05 23.82
CA PRO A 453 8.81 17.91 24.62
C PRO A 453 9.06 16.68 23.75
N TYR A 454 9.94 15.81 24.24
CA TYR A 454 10.24 14.57 23.55
C TYR A 454 10.72 13.53 24.54
N GLU A 455 10.48 12.27 24.20
CA GLU A 455 10.92 11.14 25.00
C GLU A 455 12.07 10.42 24.31
N THR A 456 12.78 9.60 25.08
CA THR A 456 13.89 8.82 24.55
C THR A 456 14.02 7.55 25.37
N GLY A 457 14.80 6.60 24.85
CA GLY A 457 15.03 5.34 25.53
C GLY A 457 13.88 4.36 25.33
N VAL A 458 14.14 3.12 25.74
CA VAL A 458 13.10 2.08 25.69
C VAL A 458 11.95 2.51 26.60
N PRO A 459 10.71 2.51 26.12
CA PRO A 459 9.59 2.98 26.96
C PRO A 459 9.45 2.14 28.23
N LYS A 460 9.05 2.82 29.30
CA LYS A 460 8.90 2.17 30.60
C LYS A 460 7.46 2.23 31.09
#